data_3UXG
#
_entry.id   3UXG
#
_cell.length_a   43.598
_cell.length_b   98.354
_cell.length_c   99.358
_cell.angle_alpha   90.000
_cell.angle_beta   90.000
_cell.angle_gamma   90.000
#
_symmetry.space_group_name_H-M   'C 2 2 21'
#
loop_
_entity.id
_entity.type
_entity.pdbx_description
1 polymer 'DNA-binding protein RFXANK'
2 polymer 'Histone deacetylase 4'
3 non-polymer 'UNKNOWN ATOM OR ION'
4 water water
#
loop_
_entity_poly.entity_id
_entity_poly.type
_entity_poly.pdbx_seq_one_letter_code
_entity_poly.pdbx_strand_id
1 'polypeptide(L)'
;GDSLSIHQLAAQGELDQLKEHLRKGDNLVNKPDERGFTPLIWASAFGEIETVRFLLEWGADPHILAKERESALSLASTGG
YTDIVGLLLERDVDINIYDWNGGTPLLYAVHGNHVKCVEALLARGADLTTEADSGYTPMDLAVALGYRKVQQVIENHILK
LFQSNLVPADPE
;
A
2 'polypeptide(L)' LPLYTSPSLPNITLGLP B
#
# COMPACT_ATOMS: atom_id res chain seq x y z
N SER A 3 3.23 -17.60 21.40
CA SER A 3 4.09 -16.50 21.92
C SER A 3 4.52 -15.53 20.79
N LEU A 4 3.93 -15.64 19.59
CA LEU A 4 4.15 -14.62 18.54
C LEU A 4 3.35 -13.37 18.88
N SER A 5 3.93 -12.22 18.59
CA SER A 5 3.33 -10.91 18.81
C SER A 5 2.12 -10.73 17.90
N ILE A 6 1.27 -9.75 18.20
CA ILE A 6 0.13 -9.48 17.33
C ILE A 6 0.56 -9.12 15.89
N HIS A 7 1.67 -8.41 15.74
CA HIS A 7 2.17 -8.05 14.42
C HIS A 7 2.56 -9.29 13.59
N GLN A 8 3.25 -10.23 14.23
CA GLN A 8 3.62 -11.47 13.59
C GLN A 8 2.41 -12.33 13.27
N LEU A 9 1.43 -12.37 14.17
CA LEU A 9 0.18 -13.11 13.91
C LEU A 9 -0.52 -12.57 12.67
N ALA A 10 -0.55 -11.24 12.54
CA ALA A 10 -1.12 -10.56 11.38
C ALA A 10 -0.33 -10.89 10.13
N ALA A 11 1.00 -10.77 10.25
CA ALA A 11 1.92 -11.01 9.13
C ALA A 11 1.79 -12.41 8.54
N GLN A 12 1.54 -13.39 9.42
CA GLN A 12 1.55 -14.80 9.05
C GLN A 12 0.15 -15.30 8.75
N GLY A 13 -0.86 -14.43 8.82
CA GLY A 13 -2.24 -14.87 8.58
C GLY A 13 -2.75 -15.89 9.57
N GLU A 14 -2.21 -15.86 10.79
CA GLU A 14 -2.67 -16.68 11.90
C GLU A 14 -3.91 -16.03 12.54
N LEU A 15 -5.00 -16.10 11.79
CA LEU A 15 -6.18 -15.31 12.05
C LEU A 15 -6.93 -15.80 13.28
N ASP A 16 -7.12 -17.10 13.44
CA ASP A 16 -7.76 -17.59 14.66
C ASP A 16 -7.04 -17.13 15.94
N GLN A 17 -5.71 -17.24 15.94
CA GLN A 17 -4.92 -16.79 17.08
C GLN A 17 -5.01 -15.28 17.25
N LEU A 18 -4.99 -14.53 16.14
CA LEU A 18 -5.09 -13.06 16.21
C LEU A 18 -6.41 -12.63 16.82
N LYS A 19 -7.50 -13.29 16.43
CA LYS A 19 -8.81 -13.02 17.01
C LYS A 19 -8.84 -13.25 18.52
N GLU A 20 -8.25 -14.35 18.97
CA GLU A 20 -8.22 -14.68 20.39
C GLU A 20 -7.43 -13.64 21.15
N HIS A 21 -6.29 -13.27 20.58
CA HIS A 21 -5.44 -12.22 21.12
C HIS A 21 -6.13 -10.85 21.25
N LEU A 22 -6.91 -10.47 20.24
CA LEU A 22 -7.70 -9.22 20.25
C LEU A 22 -9.06 -9.30 20.97
N ARG A 23 -9.34 -10.43 21.65
CA ARG A 23 -10.52 -10.65 22.49
C ARG A 23 -11.12 -9.36 23.09
N LYS A 24 -10.27 -8.62 23.82
CA LYS A 24 -10.72 -7.50 24.65
C LYS A 24 -11.47 -6.42 23.83
N GLY A 25 -11.09 -6.26 22.57
CA GLY A 25 -11.70 -5.29 21.66
C GLY A 25 -11.30 -3.87 22.04
N ASP A 26 -10.09 -3.73 22.59
CA ASP A 26 -9.56 -2.46 23.05
C ASP A 26 -8.62 -1.88 21.97
N ASN A 27 -7.67 -1.03 22.36
CA ASN A 27 -6.84 -0.34 21.39
C ASN A 27 -5.61 -1.19 20.97
N LEU A 28 -5.45 -2.40 21.55
CA LEU A 28 -4.47 -3.41 20.94
C LEU A 28 -4.45 -3.51 19.41
N VAL A 29 -5.62 -3.46 18.77
CA VAL A 29 -5.72 -3.54 17.33
C VAL A 29 -4.86 -2.50 16.56
N ASN A 30 -4.60 -1.35 17.16
CA ASN A 30 -3.77 -0.33 16.50
C ASN A 30 -2.37 -0.16 17.11
N LYS A 31 -1.94 -1.10 17.97
CA LYS A 31 -0.65 -0.92 18.66
C LYS A 31 0.50 -0.95 17.65
N PRO A 32 1.31 0.14 17.60
CA PRO A 32 2.47 0.17 16.73
C PRO A 32 3.63 -0.58 17.32
N ASP A 33 4.43 -1.27 16.48
CA ASP A 33 5.67 -1.86 16.96
C ASP A 33 6.75 -0.78 16.97
N GLU A 34 8.00 -1.18 17.19
CA GLU A 34 9.12 -0.27 17.34
C GLU A 34 9.36 0.64 16.09
N ARG A 35 8.89 0.22 14.91
CA ARG A 35 9.06 1.01 13.70
C ARG A 35 7.78 1.76 13.35
N GLY A 36 6.78 1.66 14.22
CA GLY A 36 5.50 2.30 14.00
C GLY A 36 4.49 1.51 13.21
N PHE A 37 4.86 0.30 12.81
CA PHE A 37 3.98 -0.55 12.02
C PHE A 37 2.86 -1.13 12.90
N THR A 38 1.61 -0.95 12.45
CA THR A 38 0.43 -1.52 13.08
C THR A 38 0.17 -2.94 12.54
N PRO A 39 -0.68 -3.71 13.22
CA PRO A 39 -1.06 -5.04 12.69
C PRO A 39 -1.62 -5.00 11.27
N LEU A 40 -2.38 -3.96 10.95
CA LEU A 40 -2.85 -3.79 9.58
C LEU A 40 -1.78 -3.57 8.54
N ILE A 41 -0.72 -2.83 8.87
CA ILE A 41 0.36 -2.58 7.92
C ILE A 41 1.12 -3.89 7.68
N TRP A 42 1.31 -4.68 8.73
CA TRP A 42 1.98 -5.99 8.55
C TRP A 42 1.12 -6.92 7.70
N ALA A 43 -0.18 -6.99 8.00
CA ALA A 43 -1.08 -7.86 7.22
C ALA A 43 -1.13 -7.44 5.75
N SER A 44 -1.16 -6.14 5.50
CA SER A 44 -1.15 -5.58 4.13
C SER A 44 0.15 -5.93 3.39
N ALA A 45 1.28 -5.77 4.07
CA ALA A 45 2.63 -6.03 3.49
C ALA A 45 2.78 -7.49 3.01
N PHE A 46 2.13 -8.43 3.70
CA PHE A 46 2.23 -9.81 3.39
C PHE A 46 1.03 -10.34 2.61
N GLY A 47 0.12 -9.45 2.19
CA GLY A 47 -0.99 -9.87 1.31
C GLY A 47 -2.10 -10.67 2.02
N GLU A 48 -2.22 -10.54 3.34
CA GLU A 48 -3.10 -11.43 4.09
C GLU A 48 -4.51 -10.82 4.10
N ILE A 49 -5.26 -11.02 3.03
CA ILE A 49 -6.47 -10.22 2.85
C ILE A 49 -7.54 -10.53 3.91
N GLU A 50 -7.67 -11.78 4.31
CA GLU A 50 -8.72 -12.06 5.26
C GLU A 50 -8.38 -11.47 6.64
N THR A 51 -7.10 -11.38 6.96
CA THR A 51 -6.66 -10.67 8.17
C THR A 51 -6.94 -9.16 8.06
N VAL A 52 -6.66 -8.57 6.92
CA VAL A 52 -6.96 -7.15 6.67
C VAL A 52 -8.46 -6.88 6.87
N ARG A 53 -9.28 -7.75 6.32
CA ARG A 53 -10.70 -7.57 6.37
C ARG A 53 -11.18 -7.59 7.81
N PHE A 54 -10.72 -8.57 8.58
CA PHE A 54 -11.06 -8.70 9.98
C PHE A 54 -10.60 -7.48 10.82
N LEU A 55 -9.34 -7.09 10.67
CA LEU A 55 -8.77 -5.90 11.34
C LEU A 55 -9.59 -4.60 11.08
N LEU A 56 -9.97 -4.36 9.82
CA LEU A 56 -10.81 -3.23 9.50
C LEU A 56 -12.16 -3.34 10.20
N GLU A 57 -12.72 -4.55 10.25
CA GLU A 57 -14.04 -4.73 10.84
C GLU A 57 -13.96 -4.55 12.36
N TRP A 58 -12.80 -4.88 12.93
CA TRP A 58 -12.57 -4.79 14.38
C TRP A 58 -12.11 -3.41 14.89
N GLY A 59 -11.85 -2.48 13.98
CA GLY A 59 -11.54 -1.13 14.38
C GLY A 59 -10.18 -0.60 14.04
N ALA A 60 -9.40 -1.39 13.31
CA ALA A 60 -8.11 -0.95 12.83
C ALA A 60 -8.19 0.34 12.00
N ASP A 61 -7.30 1.27 12.31
CA ASP A 61 -7.22 2.58 11.65
C ASP A 61 -6.29 2.43 10.45
N PRO A 62 -6.82 2.53 9.22
CA PRO A 62 -6.04 2.31 8.00
C PRO A 62 -5.20 3.52 7.61
N HIS A 63 -5.41 4.63 8.31
CA HIS A 63 -4.72 5.89 8.02
C HIS A 63 -3.37 6.07 8.70
N ILE A 64 -3.09 5.23 9.68
CA ILE A 64 -1.91 5.38 10.53
C ILE A 64 -0.65 5.24 9.67
N LEU A 65 0.30 6.14 9.89
CA LEU A 65 1.58 6.09 9.24
C LEU A 65 2.61 5.61 10.26
N ALA A 66 3.51 4.79 9.81
CA ALA A 66 4.61 4.31 10.62
C ALA A 66 5.67 5.40 10.69
N LYS A 67 6.81 5.09 11.28
CA LYS A 67 7.72 6.18 11.69
C LYS A 67 8.29 6.96 10.50
N GLU A 68 8.49 6.27 9.39
CA GLU A 68 9.00 6.90 8.17
C GLU A 68 7.92 7.14 7.12
N ARG A 69 6.69 7.32 7.63
CA ARG A 69 5.50 7.58 6.82
C ARG A 69 5.00 6.41 5.96
N GLU A 70 5.44 5.19 6.27
CA GLU A 70 4.89 4.04 5.55
C GLU A 70 3.41 3.87 5.93
N SER A 71 2.57 3.48 4.98
CA SER A 71 1.15 3.29 5.18
C SER A 71 0.74 1.88 4.72
N ALA A 72 -0.37 1.40 5.26
CA ALA A 72 -0.97 0.13 4.80
C ALA A 72 -1.13 0.16 3.28
N LEU A 73 -1.54 1.31 2.72
CA LEU A 73 -1.79 1.40 1.28
C LEU A 73 -0.52 1.19 0.47
N SER A 74 0.55 1.87 0.88
CA SER A 74 1.83 1.68 0.21
C SER A 74 2.41 0.28 0.28
N LEU A 75 2.25 -0.37 1.43
CA LEU A 75 2.75 -1.72 1.60
C LEU A 75 1.95 -2.69 0.74
N ALA A 76 0.64 -2.47 0.64
CA ALA A 76 -0.20 -3.27 -0.23
C ALA A 76 0.15 -3.06 -1.73
N SER A 77 0.43 -1.80 -2.10
CA SER A 77 0.77 -1.46 -3.47
C SER A 77 2.10 -2.03 -3.90
N THR A 78 3.13 -1.98 -3.06
CA THR A 78 4.39 -2.54 -3.44
C THR A 78 4.30 -4.07 -3.63
N GLY A 79 3.42 -4.75 -2.89
CA GLY A 79 3.28 -6.18 -3.01
C GLY A 79 2.33 -6.60 -4.11
N GLY A 80 1.69 -5.63 -4.75
CA GLY A 80 0.71 -5.91 -5.81
C GLY A 80 -0.60 -6.48 -5.34
N TYR A 81 -1.02 -6.15 -4.13
CA TYR A 81 -2.22 -6.74 -3.58
C TYR A 81 -3.43 -5.85 -3.89
N THR A 82 -3.85 -5.94 -5.12
CA THR A 82 -4.93 -5.10 -5.64
C THR A 82 -6.23 -5.15 -4.83
N ASP A 83 -6.58 -6.31 -4.32
CA ASP A 83 -7.82 -6.41 -3.52
C ASP A 83 -7.69 -5.72 -2.15
N ILE A 84 -6.51 -5.84 -1.53
CA ILE A 84 -6.22 -5.06 -0.28
C ILE A 84 -6.23 -3.55 -0.54
N VAL A 85 -5.59 -3.13 -1.63
CA VAL A 85 -5.63 -1.74 -2.03
C VAL A 85 -7.07 -1.25 -2.08
N GLY A 86 -7.94 -2.08 -2.63
CA GLY A 86 -9.34 -1.72 -2.79
C GLY A 86 -10.07 -1.56 -1.46
N LEU A 87 -9.86 -2.48 -0.54
CA LEU A 87 -10.42 -2.40 0.82
C LEU A 87 -9.99 -1.14 1.57
N LEU A 88 -8.73 -0.80 1.44
CA LEU A 88 -8.18 0.43 2.04
C LEU A 88 -8.75 1.72 1.40
N LEU A 89 -8.82 1.76 0.06
CA LEU A 89 -9.41 2.89 -0.64
C LEU A 89 -10.90 3.10 -0.28
N GLU A 90 -11.60 2.01 0.06
CA GLU A 90 -13.00 2.10 0.52
C GLU A 90 -13.15 2.90 1.82
N ARG A 91 -12.08 2.95 2.62
CA ARG A 91 -12.11 3.69 3.88
CA ARG A 91 -12.11 3.69 3.90
C ARG A 91 -11.52 5.08 3.69
N ASP A 92 -11.33 5.47 2.41
CA ASP A 92 -10.91 6.83 2.05
C ASP A 92 -9.55 7.26 2.59
N VAL A 93 -8.61 6.34 2.56
CA VAL A 93 -7.23 6.65 2.96
C VAL A 93 -6.67 7.64 1.93
N ASP A 94 -5.65 8.37 2.34
CA ASP A 94 -4.95 9.33 1.48
C ASP A 94 -4.24 8.49 0.43
N ILE A 95 -4.56 8.72 -0.83
CA ILE A 95 -4.03 7.91 -1.92
C ILE A 95 -2.63 8.40 -2.38
N ASN A 96 -2.29 9.66 -2.07
CA ASN A 96 -1.04 10.29 -2.51
C ASN A 96 -0.05 10.44 -1.33
N ILE A 97 0.01 9.47 -0.44
CA ILE A 97 0.89 9.61 0.74
C ILE A 97 2.37 9.52 0.30
N TYR A 98 3.14 10.58 0.55
CA TYR A 98 4.56 10.64 0.22
C TYR A 98 5.36 10.21 1.46
N ASP A 99 6.13 9.14 1.31
CA ASP A 99 6.90 8.63 2.44
C ASP A 99 8.31 9.21 2.37
N TRP A 100 9.09 8.98 3.40
CA TRP A 100 10.45 9.49 3.44
C TRP A 100 11.43 8.70 2.57
N ASN A 101 11.00 7.55 2.08
CA ASN A 101 11.76 6.74 1.11
C ASN A 101 11.62 7.28 -0.33
N GLY A 102 10.75 8.28 -0.52
CA GLY A 102 10.59 8.96 -1.78
C GLY A 102 9.51 8.33 -2.65
N GLY A 103 8.69 7.46 -2.07
CA GLY A 103 7.59 6.82 -2.82
C GLY A 103 6.21 7.30 -2.49
N THR A 104 5.24 6.76 -3.22
CA THR A 104 3.79 6.92 -3.06
C THR A 104 3.17 5.58 -3.45
N PRO A 105 1.91 5.36 -3.11
CA PRO A 105 1.27 4.09 -3.53
C PRO A 105 1.38 3.83 -5.04
N LEU A 106 1.14 4.86 -5.83
CA LEU A 106 1.22 4.72 -7.30
C LEU A 106 2.62 4.41 -7.77
N LEU A 107 3.62 5.12 -7.25
CA LEU A 107 4.98 4.84 -7.63
C LEU A 107 5.39 3.41 -7.27
N TYR A 108 4.94 2.85 -6.14
CA TYR A 108 5.29 1.46 -5.80
C TYR A 108 4.60 0.48 -6.77
N ALA A 109 3.37 0.77 -7.15
CA ALA A 109 2.61 -0.07 -8.08
C ALA A 109 3.30 -0.07 -9.45
N VAL A 110 3.77 1.10 -9.88
CA VAL A 110 4.51 1.23 -11.14
C VAL A 110 5.83 0.44 -11.05
N HIS A 111 6.56 0.63 -9.95
CA HIS A 111 7.86 0.05 -9.76
C HIS A 111 7.75 -1.47 -9.73
N GLY A 112 6.67 -1.99 -9.15
CA GLY A 112 6.48 -3.45 -9.15
C GLY A 112 5.83 -4.03 -10.41
N ASN A 113 5.61 -3.19 -11.44
CA ASN A 113 4.91 -3.64 -12.64
C ASN A 113 3.58 -4.31 -12.29
N HIS A 114 2.87 -3.72 -11.34
CA HIS A 114 1.58 -4.23 -10.88
C HIS A 114 0.46 -3.46 -11.62
N VAL A 115 0.22 -3.93 -12.83
CA VAL A 115 -0.71 -3.29 -13.79
C VAL A 115 -2.09 -3.07 -13.17
N LYS A 116 -2.68 -4.12 -12.62
CA LYS A 116 -4.04 -3.97 -12.02
C LYS A 116 -4.07 -3.05 -10.77
N CYS A 117 -2.99 -3.01 -9.99
CA CYS A 117 -2.85 -2.10 -8.91
CA CYS A 117 -2.87 -2.06 -8.87
C CYS A 117 -2.77 -0.64 -9.40
N VAL A 118 -2.00 -0.43 -10.44
CA VAL A 118 -1.93 0.90 -11.04
C VAL A 118 -3.31 1.31 -11.49
N GLU A 119 -4.00 0.40 -12.18
CA GLU A 119 -5.35 0.69 -12.68
CA GLU A 119 -5.38 0.66 -12.67
C GLU A 119 -6.31 1.05 -11.53
N ALA A 120 -6.27 0.29 -10.42
CA ALA A 120 -7.11 0.58 -9.25
C ALA A 120 -6.86 1.98 -8.64
N LEU A 121 -5.59 2.30 -8.47
CA LEU A 121 -5.22 3.61 -7.88
C LEU A 121 -5.63 4.78 -8.75
N LEU A 122 -5.38 4.66 -10.05
CA LEU A 122 -5.84 5.67 -11.02
C LEU A 122 -7.36 5.82 -11.07
N ALA A 123 -8.07 4.71 -10.96
CA ALA A 123 -9.51 4.72 -11.02
C ALA A 123 -10.09 5.46 -9.80
N ARG A 124 -9.36 5.47 -8.69
CA ARG A 124 -9.73 6.21 -7.50
C ARG A 124 -9.11 7.60 -7.47
N GLY A 125 -8.42 8.00 -8.54
CA GLY A 125 -8.00 9.38 -8.69
C GLY A 125 -6.62 9.74 -8.17
N ALA A 126 -5.72 8.76 -8.05
CA ALA A 126 -4.31 9.01 -7.74
C ALA A 126 -3.69 10.02 -8.69
N ASP A 127 -2.96 10.97 -8.11
CA ASP A 127 -2.30 12.03 -8.88
C ASP A 127 -1.13 11.55 -9.73
N LEU A 128 -1.09 11.99 -10.96
CA LEU A 128 0.03 11.71 -11.87
C LEU A 128 0.95 12.87 -12.13
N THR A 129 0.61 14.05 -11.62
CA THR A 129 1.24 15.30 -12.09
C THR A 129 2.45 15.70 -11.29
N THR A 130 2.74 14.97 -10.24
CA THR A 130 3.71 15.42 -9.27
C THR A 130 5.03 14.60 -9.38
N GLU A 131 6.16 15.31 -9.43
CA GLU A 131 7.51 14.66 -9.35
C GLU A 131 7.83 14.16 -7.93
N ALA A 132 8.24 12.90 -7.83
CA ALA A 132 8.77 12.36 -6.58
C ALA A 132 10.09 13.04 -6.19
N ASP A 133 10.57 12.83 -4.97
CA ASP A 133 11.88 13.44 -4.56
C ASP A 133 13.00 13.17 -5.58
N SER A 134 12.90 12.00 -6.23
CA SER A 134 13.88 11.53 -7.21
C SER A 134 13.79 12.23 -8.57
N GLY A 135 12.78 13.06 -8.77
CA GLY A 135 12.61 13.77 -10.07
C GLY A 135 11.76 13.00 -11.09
N TYR A 136 11.16 11.90 -10.69
CA TYR A 136 10.32 11.09 -11.58
C TYR A 136 8.84 11.29 -11.26
N THR A 137 8.03 11.66 -12.25
CA THR A 137 6.58 11.40 -12.16
C THR A 137 6.28 9.88 -12.35
N PRO A 138 5.06 9.44 -12.03
CA PRO A 138 4.75 8.04 -12.29
C PRO A 138 4.96 7.58 -13.76
N MET A 139 4.57 8.41 -14.72
CA MET A 139 4.78 8.06 -16.12
C MET A 139 6.27 8.04 -16.45
N ASP A 140 7.01 9.02 -15.94
CA ASP A 140 8.48 9.05 -16.09
C ASP A 140 9.07 7.71 -15.66
N LEU A 141 8.60 7.20 -14.53
CA LEU A 141 9.18 5.96 -13.95
C LEU A 141 8.79 4.75 -14.80
N ALA A 142 7.52 4.69 -15.24
CA ALA A 142 7.06 3.60 -16.13
C ALA A 142 7.85 3.59 -17.43
N VAL A 143 8.13 4.77 -17.96
CA VAL A 143 8.90 4.87 -19.18
C VAL A 143 10.34 4.42 -18.93
N ALA A 144 10.95 4.89 -17.85
CA ALA A 144 12.35 4.55 -17.56
C ALA A 144 12.57 3.06 -17.34
N LEU A 145 11.62 2.42 -16.68
CA LEU A 145 11.68 1.00 -16.39
C LEU A 145 11.27 0.16 -17.59
N GLY A 146 10.64 0.77 -18.60
CA GLY A 146 10.28 0.05 -19.84
C GLY A 146 9.03 -0.81 -19.62
N TYR A 147 8.22 -0.43 -18.66
CA TYR A 147 6.99 -1.18 -18.32
C TYR A 147 5.83 -0.66 -19.17
N ARG A 148 5.72 -1.25 -20.35
CA ARG A 148 4.82 -0.76 -21.41
C ARG A 148 3.35 -0.98 -21.06
N LYS A 149 3.05 -2.06 -20.34
CA LYS A 149 1.67 -2.32 -19.91
C LYS A 149 1.19 -1.27 -18.89
N VAL A 150 2.09 -0.90 -17.97
CA VAL A 150 1.83 0.17 -17.01
C VAL A 150 1.66 1.51 -17.75
N GLN A 151 2.54 1.77 -18.70
CA GLN A 151 2.45 2.98 -19.51
C GLN A 151 1.12 3.09 -20.21
N GLN A 152 0.59 1.98 -20.73
CA GLN A 152 -0.70 2.02 -21.42
C GLN A 152 -1.86 2.37 -20.48
N VAL A 153 -1.86 1.81 -19.29
CA VAL A 153 -2.89 2.05 -18.29
C VAL A 153 -2.85 3.51 -17.88
N ILE A 154 -1.64 4.02 -17.71
CA ILE A 154 -1.49 5.45 -17.42
C ILE A 154 -2.08 6.28 -18.57
N GLU A 155 -1.71 5.97 -19.81
CA GLU A 155 -2.25 6.69 -20.98
C GLU A 155 -3.77 6.67 -21.09
N ASN A 156 -4.37 5.51 -20.85
CA ASN A 156 -5.81 5.37 -20.95
C ASN A 156 -6.46 6.37 -20.02
N HIS A 157 -5.88 6.48 -18.81
CA HIS A 157 -6.40 7.34 -17.75
C HIS A 157 -6.24 8.81 -18.10
N ILE A 158 -5.03 9.17 -18.50
CA ILE A 158 -4.74 10.56 -18.89
C ILE A 158 -5.67 11.09 -19.97
N LEU A 159 -6.01 10.29 -20.97
CA LEU A 159 -6.96 10.73 -21.98
C LEU A 159 -8.34 11.08 -21.36
N LYS A 160 -8.80 10.30 -20.39
CA LYS A 160 -10.10 10.61 -19.77
C LYS A 160 -10.11 11.95 -19.01
N LEU A 161 -8.94 12.39 -18.51
CA LEU A 161 -8.85 13.51 -17.58
C LEU A 161 -9.12 14.92 -18.17
N PHE A 162 -9.04 15.08 -19.49
CA PHE A 162 -9.17 16.42 -20.06
C PHE A 162 -10.57 16.59 -20.69
N GLN A 163 -11.48 15.73 -20.24
CA GLN A 163 -12.83 15.71 -20.73
C GLN A 163 -13.73 15.70 -19.51
N SER A 164 -14.67 16.62 -19.50
CA SER A 164 -15.59 16.81 -18.38
C SER A 164 -17.00 16.30 -18.69
N ASN A 165 -17.28 16.04 -19.97
CA ASN A 165 -18.56 15.53 -20.44
C ASN A 165 -18.44 14.03 -20.81
N PRO B 2 9.45 -19.11 13.92
CA PRO B 2 9.15 -18.49 12.61
C PRO B 2 8.86 -16.98 12.73
N LEU B 3 9.85 -16.14 12.40
CA LEU B 3 9.68 -14.67 12.47
C LEU B 3 9.80 -14.06 11.07
N TYR B 4 8.72 -13.46 10.61
CA TYR B 4 8.71 -12.83 9.30
C TYR B 4 9.42 -11.47 9.37
N THR B 5 10.14 -11.14 8.29
CA THR B 5 10.88 -9.88 8.16
C THR B 5 9.95 -8.68 8.12
N SER B 6 10.45 -7.50 8.53
CA SER B 6 9.59 -6.32 8.59
C SER B 6 9.01 -5.87 7.24
N PRO B 7 7.84 -5.26 7.30
CA PRO B 7 7.35 -4.54 6.11
C PRO B 7 8.44 -3.60 5.58
N SER B 8 8.67 -3.65 4.28
CA SER B 8 9.73 -2.89 3.65
C SER B 8 9.22 -2.26 2.37
N LEU B 9 9.71 -1.05 2.07
CA LEU B 9 9.41 -0.34 0.81
C LEU B 9 10.71 -0.25 0.02
N PRO B 10 10.65 -0.60 -1.28
CA PRO B 10 11.88 -0.69 -2.04
C PRO B 10 12.40 0.67 -2.49
N ASN B 11 13.68 0.71 -2.90
CA ASN B 11 14.26 1.92 -3.48
C ASN B 11 13.82 1.96 -4.94
N ILE B 12 12.90 2.85 -5.26
CA ILE B 12 12.20 2.76 -6.55
C ILE B 12 13.03 3.26 -7.75
N THR B 13 14.10 4.01 -7.47
CA THR B 13 14.98 4.48 -8.55
C THR B 13 16.33 3.78 -8.57
N LEU B 14 16.43 2.66 -7.86
CA LEU B 14 17.67 1.86 -7.88
C LEU B 14 18.05 1.52 -9.31
N GLY B 15 19.30 1.81 -9.66
CA GLY B 15 19.81 1.56 -11.01
C GLY B 15 19.38 2.58 -12.06
N LEU B 16 18.56 3.56 -11.70
CA LEU B 16 18.10 4.54 -12.68
C LEU B 16 18.90 5.85 -12.60
N PRO B 17 18.97 6.59 -13.73
CA PRO B 17 19.51 7.96 -13.72
C PRO B 17 18.90 8.87 -12.63
#